data_6ACR
#
_entry.id   6ACR
#
_cell.length_a   85.130
_cell.length_b   138.360
_cell.length_c   59.350
_cell.angle_alpha   90.000
_cell.angle_beta   90.000
_cell.angle_gamma   90.000
#
_symmetry.space_group_name_H-M   'P 21 21 2'
#
loop_
_entity.id
_entity.type
_entity.pdbx_description
1 polymer 'Activin receptor type-1'
2 non-polymer N-(4-methoxyphenyl)-4-[3-(pyridin-3-yl)-1H-pyrazol-4-yl]pyrimidin-2-amine
3 non-polymer 'SULFATE ION'
4 water water
#
_entity_poly.entity_id   1
_entity_poly.type   'polypeptide(L)'
_entity_poly.pdbx_seq_one_letter_code
;SMQRTVAHQITLLECVGKGRYGEVWRGSWQGENVAVKIFSSRDEKSWFRETELYNTVMLRHENILGFIASDMTSRHSSTQ
LWLITHYHEMGSLYDYLQLTTLDTVSCLRIVLSIASGLAHLHIEIFGTQGKPAIAHRDLKSKNILVKKNGQCCIADLGLA
VMHSQSTNQLDVGNNPRVGTKRYMAPEVLDETIQVDCFDSYKRVDIWAFGLVLWEVARRMVSNGIVEDYKPPFYDVVPND
PSFEDMRKVVCVDQQRPNIPNRWFSDPTLTSLAKLMKECWYQNPSARLTALRIKKTLTKID
;
_entity_poly.pdbx_strand_id   A,B
#
# COMPACT_ATOMS: atom_id res chain seq x y z
N THR A 5 -7.40 -17.06 34.59
CA THR A 5 -7.82 -16.39 33.37
C THR A 5 -8.68 -15.18 33.71
N VAL A 6 -8.65 -14.16 32.86
CA VAL A 6 -9.36 -12.93 33.17
C VAL A 6 -10.86 -13.20 33.34
N ALA A 7 -11.41 -14.15 32.58
CA ALA A 7 -12.84 -14.43 32.66
C ALA A 7 -13.25 -14.84 34.08
N HIS A 8 -12.44 -15.64 34.76
CA HIS A 8 -12.83 -16.09 36.09
C HIS A 8 -12.71 -14.99 37.16
N GLN A 9 -12.07 -13.85 36.85
CA GLN A 9 -11.93 -12.75 37.78
C GLN A 9 -13.02 -11.70 37.65
N ILE A 10 -13.92 -11.84 36.69
CA ILE A 10 -14.88 -10.80 36.35
C ILE A 10 -16.21 -11.10 37.01
N THR A 11 -16.85 -10.06 37.52
CA THR A 11 -18.24 -10.14 37.97
C THR A 11 -19.13 -9.49 36.92
N LEU A 12 -20.01 -10.28 36.31
CA LEU A 12 -21.00 -9.72 35.39
C LEU A 12 -22.01 -8.92 36.20
N LEU A 13 -22.32 -7.70 35.72
CA LEU A 13 -23.18 -6.77 36.45
C LEU A 13 -24.53 -6.56 35.77
N GLU A 14 -24.54 -6.23 34.48
CA GLU A 14 -25.79 -6.05 33.75
C GLU A 14 -25.51 -6.21 32.27
N CYS A 15 -26.53 -6.66 31.55
CA CYS A 15 -26.44 -6.83 30.11
C CYS A 15 -26.75 -5.50 29.44
N VAL A 16 -25.83 -5.02 28.60
CA VAL A 16 -25.97 -3.70 27.96
C VAL A 16 -26.20 -3.79 26.46
N GLY A 17 -26.15 -5.00 25.88
CA GLY A 17 -26.42 -5.16 24.47
C GLY A 17 -26.64 -6.61 24.18
N LYS A 18 -27.46 -6.88 23.16
CA LYS A 18 -27.81 -8.26 22.85
C LYS A 18 -28.23 -8.35 21.40
N GLY A 19 -27.83 -9.43 20.75
CA GLY A 19 -28.20 -9.68 19.38
C GLY A 19 -27.93 -11.11 19.02
N ARG A 20 -28.03 -11.39 17.72
CA ARG A 20 -27.76 -12.73 17.23
C ARG A 20 -26.31 -13.14 17.45
N TYR A 21 -25.41 -12.16 17.57
CA TYR A 21 -24.01 -12.41 17.91
C TYR A 21 -23.84 -12.93 19.33
N GLY A 22 -24.82 -12.66 20.21
CA GLY A 22 -24.68 -12.96 21.63
C GLY A 22 -25.00 -11.76 22.50
N GLU A 23 -24.18 -11.52 23.52
CA GLU A 23 -24.48 -10.49 24.51
C GLU A 23 -23.23 -9.70 24.83
N VAL A 24 -23.42 -8.43 25.17
CA VAL A 24 -22.39 -7.61 25.78
C VAL A 24 -22.83 -7.25 27.18
N TRP A 25 -21.95 -7.51 28.15
CA TRP A 25 -22.21 -7.23 29.55
C TRP A 25 -21.24 -6.18 30.05
N ARG A 26 -21.73 -5.28 30.90
CA ARG A 26 -20.86 -4.51 31.76
C ARG A 26 -20.42 -5.43 32.90
N GLY A 27 -19.12 -5.70 32.97
CA GLY A 27 -18.57 -6.48 34.06
C GLY A 27 -17.61 -5.68 34.91
N SER A 28 -17.27 -6.20 36.08
CA SER A 28 -16.32 -5.59 36.99
C SER A 28 -15.07 -6.45 37.04
N TRP A 29 -13.92 -5.85 36.73
CA TRP A 29 -12.62 -6.51 36.73
C TRP A 29 -11.60 -5.56 37.34
N GLN A 30 -10.83 -6.06 38.31
CA GLN A 30 -9.84 -5.24 39.03
C GLN A 30 -10.46 -3.94 39.56
N GLY A 31 -11.75 -3.97 39.89
CA GLY A 31 -12.44 -2.76 40.33
C GLY A 31 -12.68 -1.73 39.25
N GLU A 32 -12.71 -2.12 37.98
CA GLU A 32 -13.02 -1.22 36.89
C GLU A 32 -14.06 -1.88 35.98
N ASN A 33 -14.84 -1.07 35.28
CA ASN A 33 -15.75 -1.58 34.27
C ASN A 33 -14.97 -2.16 33.09
N VAL A 34 -15.41 -3.31 32.60
CA VAL A 34 -14.93 -3.87 31.35
C VAL A 34 -16.14 -4.32 30.56
N ALA A 35 -16.00 -4.37 29.24
CA ALA A 35 -17.04 -4.93 28.40
C ALA A 35 -16.74 -6.41 28.18
N VAL A 36 -17.73 -7.27 28.40
CA VAL A 36 -17.60 -8.71 28.17
C VAL A 36 -18.56 -9.08 27.06
N LYS A 37 -18.02 -9.42 25.90
CA LYS A 37 -18.85 -9.93 24.81
C LYS A 37 -18.84 -11.46 24.87
N ILE A 38 -20.01 -12.01 25.09
CA ILE A 38 -20.24 -13.44 25.25
C ILE A 38 -20.91 -13.90 23.98
N PHE A 39 -20.19 -14.65 23.18
CA PHE A 39 -20.66 -15.01 21.86
C PHE A 39 -21.71 -16.12 21.94
N SER A 40 -22.65 -16.08 21.01
CA SER A 40 -23.56 -17.22 20.87
C SER A 40 -22.88 -18.36 20.14
N SER A 41 -23.41 -19.57 20.34
CA SER A 41 -22.85 -20.74 19.69
C SER A 41 -22.88 -20.63 18.18
N ARG A 42 -23.81 -19.87 17.64
CA ARG A 42 -23.92 -19.64 16.20
C ARG A 42 -22.84 -18.70 15.65
N ASP A 43 -22.04 -18.05 16.50
CA ASP A 43 -21.12 -17.01 16.05
C ASP A 43 -19.70 -17.25 16.58
N GLU A 44 -19.34 -18.54 16.78
CA GLU A 44 -18.00 -18.88 17.24
C GLU A 44 -16.91 -18.41 16.26
N LYS A 45 -17.18 -18.39 14.97
CA LYS A 45 -16.11 -17.96 14.06
C LYS A 45 -15.76 -16.49 14.23
N SER A 46 -16.72 -15.63 14.64
CA SER A 46 -16.38 -14.23 14.90
C SER A 46 -15.50 -14.09 16.13
N TRP A 47 -15.80 -14.81 17.22
CA TRP A 47 -14.89 -14.85 18.37
C TRP A 47 -13.47 -15.24 17.95
N PHE A 48 -13.36 -16.26 17.10
CA PHE A 48 -12.06 -16.76 16.68
C PHE A 48 -11.31 -15.69 15.89
N ARG A 49 -12.02 -15.04 14.97
CA ARG A 49 -11.39 -14.03 14.13
C ARG A 49 -10.95 -12.82 14.95
N GLU A 50 -11.82 -12.32 15.84
CA GLU A 50 -11.43 -11.20 16.70
C GLU A 50 -10.23 -11.55 17.56
N THR A 51 -10.26 -12.73 18.19
CA THR A 51 -9.12 -13.17 18.98
C THR A 51 -7.85 -13.24 18.12
N GLU A 52 -7.99 -13.77 16.91
CA GLU A 52 -6.86 -13.80 15.98
C GLU A 52 -6.33 -12.41 15.68
N LEU A 53 -7.23 -11.48 15.32
CA LEU A 53 -6.74 -10.16 14.94
C LEU A 53 -6.03 -9.48 16.10
N TYR A 54 -6.63 -9.50 17.30
CA TYR A 54 -6.06 -8.77 18.42
C TYR A 54 -4.76 -9.39 18.90
N ASN A 55 -4.62 -10.72 18.81
CA ASN A 55 -3.43 -11.38 19.33
C ASN A 55 -2.28 -11.43 18.34
N THR A 56 -2.55 -11.36 17.04
CA THR A 56 -1.48 -11.47 16.05
C THR A 56 -1.15 -10.16 15.36
N VAL A 57 -1.93 -9.10 15.58
CA VAL A 57 -1.64 -7.78 15.03
C VAL A 57 -1.55 -6.78 16.16
N MET A 58 -0.51 -5.94 16.13
CA MET A 58 -0.43 -4.81 17.05
C MET A 58 -1.50 -3.79 16.65
N LEU A 59 -2.62 -3.76 17.39
CA LEU A 59 -3.79 -2.97 17.01
C LEU A 59 -4.06 -1.80 17.95
N ARG A 60 -3.21 -1.55 18.94
CA ARG A 60 -3.49 -0.46 19.86
C ARG A 60 -3.54 0.87 19.12
N HIS A 61 -4.66 1.56 19.26
CA HIS A 61 -4.87 2.86 18.62
C HIS A 61 -5.99 3.57 19.37
N GLU A 62 -5.89 4.90 19.46
CA GLU A 62 -6.84 5.64 20.26
C GLU A 62 -8.28 5.44 19.77
N ASN A 63 -8.47 5.11 18.50
CA ASN A 63 -9.78 5.03 17.88
C ASN A 63 -10.12 3.60 17.47
N ILE A 64 -9.53 2.62 18.13
CA ILE A 64 -9.86 1.21 17.94
C ILE A 64 -10.07 0.61 19.31
N LEU A 65 -11.24 0.01 19.52
CA LEU A 65 -11.61 -0.56 20.82
C LEU A 65 -10.46 -1.38 21.39
N GLY A 66 -10.16 -1.12 22.66
CA GLY A 66 -8.98 -1.72 23.29
C GLY A 66 -9.22 -3.10 23.87
N PHE A 67 -8.37 -4.05 23.47
CA PHE A 67 -8.52 -5.45 23.83
C PHE A 67 -7.89 -5.73 25.19
N ILE A 68 -8.58 -6.49 26.02
CA ILE A 68 -8.01 -6.90 27.29
C ILE A 68 -7.67 -8.39 27.23
N ALA A 69 -8.66 -9.22 26.97
CA ALA A 69 -8.47 -10.67 27.02
C ALA A 69 -9.50 -11.37 26.16
N SER A 70 -9.17 -12.61 25.80
CA SER A 70 -10.06 -13.52 25.08
C SER A 70 -9.97 -14.87 25.78
N ASP A 71 -11.11 -15.42 26.20
CA ASP A 71 -11.10 -16.59 27.07
C ASP A 71 -12.18 -17.58 26.69
N MET A 72 -11.94 -18.85 27.07
CA MET A 72 -12.98 -19.87 27.11
C MET A 72 -13.31 -20.14 28.57
N THR A 73 -14.60 -20.17 28.90
CA THR A 73 -14.95 -20.44 30.28
C THR A 73 -16.19 -21.32 30.33
N SER A 74 -16.55 -21.73 31.54
CA SER A 74 -17.71 -22.56 31.78
C SER A 74 -18.73 -21.75 32.56
N ARG A 75 -19.94 -21.68 32.02
CA ARG A 75 -21.09 -21.02 32.63
C ARG A 75 -22.24 -21.98 32.41
N HIS A 76 -22.95 -22.31 33.48
CA HIS A 76 -24.06 -23.25 33.40
C HIS A 76 -23.59 -24.59 32.83
N SER A 77 -22.39 -25.00 33.25
CA SER A 77 -21.77 -26.27 32.85
C SER A 77 -21.75 -26.45 31.33
N SER A 78 -21.33 -25.40 30.63
CA SER A 78 -21.09 -25.48 29.19
C SER A 78 -20.22 -24.32 28.75
N THR A 79 -19.53 -24.49 27.63
CA THR A 79 -18.44 -23.60 27.24
C THR A 79 -18.98 -22.30 26.67
N GLN A 80 -18.45 -21.18 27.16
CA GLN A 80 -18.72 -19.86 26.60
C GLN A 80 -17.44 -19.24 26.09
N LEU A 81 -17.52 -18.62 24.91
CA LEU A 81 -16.42 -17.83 24.37
C LEU A 81 -16.64 -16.37 24.74
N TRP A 82 -15.69 -15.80 25.49
CA TRP A 82 -15.72 -14.41 25.95
C TRP A 82 -14.62 -13.58 25.28
N LEU A 83 -14.95 -12.33 24.96
CA LEU A 83 -13.96 -11.36 24.51
C LEU A 83 -14.09 -10.13 25.38
N ILE A 84 -13.02 -9.77 26.08
CA ILE A 84 -13.06 -8.73 27.10
C ILE A 84 -12.29 -7.53 26.58
N THR A 85 -12.92 -6.37 26.65
CA THR A 85 -12.36 -5.13 26.13
C THR A 85 -12.61 -4.01 27.12
N HIS A 86 -12.04 -2.85 26.82
CA HIS A 86 -12.35 -1.65 27.59
C HIS A 86 -13.85 -1.35 27.48
N TYR A 87 -14.38 -0.73 28.53
CA TYR A 87 -15.78 -0.35 28.60
C TYR A 87 -15.91 1.16 28.38
N HIS A 88 -16.92 1.55 27.62
CA HIS A 88 -17.16 2.97 27.32
C HIS A 88 -18.57 3.31 27.77
N GLU A 89 -18.67 3.97 28.92
CA GLU A 89 -19.96 4.26 29.53
C GLU A 89 -20.82 5.15 28.66
N MET A 90 -20.24 5.92 27.75
CA MET A 90 -21.08 6.72 26.86
C MET A 90 -21.82 5.87 25.83
N GLY A 91 -21.47 4.58 25.68
CA GLY A 91 -22.25 3.67 24.84
C GLY A 91 -21.90 3.73 23.37
N SER A 92 -22.73 3.07 22.56
CA SER A 92 -22.49 3.06 21.12
C SER A 92 -22.88 4.41 20.51
N LEU A 93 -22.24 4.72 19.38
CA LEU A 93 -22.59 5.94 18.65
C LEU A 93 -24.05 5.92 18.25
N TYR A 94 -24.58 4.74 17.90
CA TYR A 94 -26.00 4.60 17.59
C TYR A 94 -26.88 5.07 18.75
N ASP A 95 -26.62 4.57 19.96
CA ASP A 95 -27.42 5.01 21.12
C ASP A 95 -27.14 6.47 21.45
N TYR A 96 -25.87 6.88 21.37
CA TYR A 96 -25.48 8.22 21.77
C TYR A 96 -26.15 9.29 20.91
N LEU A 97 -26.21 9.08 19.58
CA LEU A 97 -26.81 10.09 18.71
C LEU A 97 -28.30 10.31 19.01
N GLN A 98 -28.95 9.38 19.68
CA GLN A 98 -30.37 9.51 20.03
C GLN A 98 -30.59 10.28 21.32
N LEU A 99 -29.56 10.39 22.16
CA LEU A 99 -29.68 11.03 23.45
C LEU A 99 -29.18 12.47 23.47
N THR A 100 -28.56 12.95 22.40
CA THR A 100 -28.04 14.32 22.40
C THR A 100 -27.93 14.82 20.97
N THR A 101 -27.88 16.15 20.84
CA THR A 101 -27.49 16.82 19.61
C THR A 101 -26.01 17.18 19.70
N LEU A 102 -25.45 17.57 18.55
CA LEU A 102 -24.05 17.92 18.46
C LEU A 102 -23.88 19.36 18.00
N ASP A 103 -22.80 19.99 18.44
CA ASP A 103 -22.35 21.23 17.83
C ASP A 103 -21.27 20.90 16.81
N THR A 104 -20.70 21.94 16.21
CA THR A 104 -19.75 21.73 15.12
C THR A 104 -18.50 21.02 15.61
N VAL A 105 -17.96 21.46 16.75
CA VAL A 105 -16.75 20.85 17.28
C VAL A 105 -16.97 19.37 17.59
N SER A 106 -18.10 19.06 18.22
CA SER A 106 -18.37 17.68 18.63
C SER A 106 -18.68 16.79 17.44
N CYS A 107 -19.34 17.34 16.40
CA CYS A 107 -19.62 16.56 15.20
C CYS A 107 -18.33 16.21 14.46
N LEU A 108 -17.47 17.22 14.22
CA LEU A 108 -16.20 16.96 13.53
C LEU A 108 -15.31 16.01 14.33
N ARG A 109 -15.26 16.18 15.64
CA ARG A 109 -14.41 15.31 16.46
C ARG A 109 -14.82 13.85 16.32
N ILE A 110 -16.13 13.58 16.29
CA ILE A 110 -16.62 12.22 16.13
C ILE A 110 -16.21 11.66 14.77
N VAL A 111 -16.50 12.38 13.69
CA VAL A 111 -16.29 11.77 12.38
C VAL A 111 -14.80 11.69 12.04
N LEU A 112 -13.99 12.63 12.56
CA LEU A 112 -12.56 12.57 12.32
C LEU A 112 -11.93 11.40 13.06
N SER A 113 -12.37 11.15 14.28
CA SER A 113 -11.83 10.04 15.05
C SER A 113 -12.17 8.72 14.39
N ILE A 114 -13.39 8.60 13.83
CA ILE A 114 -13.73 7.39 13.09
C ILE A 114 -12.84 7.27 11.84
N ALA A 115 -12.64 8.36 11.12
CA ALA A 115 -11.78 8.29 9.93
C ALA A 115 -10.35 7.88 10.28
N SER A 116 -9.85 8.30 11.45
CA SER A 116 -8.49 7.95 11.85
C SER A 116 -8.38 6.49 12.26
N GLY A 117 -9.38 5.99 13.00
CA GLY A 117 -9.42 4.57 13.30
C GLY A 117 -9.48 3.73 12.05
N LEU A 118 -10.31 4.14 11.09
CA LEU A 118 -10.48 3.37 9.86
C LEU A 118 -9.21 3.41 9.00
N ALA A 119 -8.61 4.60 8.84
CA ALA A 119 -7.42 4.69 8.02
C ALA A 119 -6.29 3.85 8.60
N HIS A 120 -6.09 3.96 9.91
CA HIS A 120 -5.14 3.12 10.62
C HIS A 120 -5.37 1.63 10.34
N LEU A 121 -6.63 1.20 10.28
CA LEU A 121 -6.92 -0.19 9.98
C LEU A 121 -6.53 -0.51 8.55
N HIS A 122 -6.86 0.37 7.62
CA HIS A 122 -6.71 0.11 6.20
C HIS A 122 -5.26 0.12 5.72
N ILE A 123 -4.37 0.81 6.44
CA ILE A 123 -2.99 1.08 5.98
C ILE A 123 -2.07 -0.03 6.45
N GLU A 124 -1.20 -0.54 5.58
CA GLU A 124 -0.14 -1.43 6.06
C GLU A 124 1.04 -0.62 6.59
N ILE A 125 1.54 -1.02 7.76
CA ILE A 125 2.65 -0.33 8.42
C ILE A 125 3.81 -1.31 8.55
N PHE A 126 5.01 -0.87 8.21
CA PHE A 126 6.22 -1.68 8.30
C PHE A 126 7.07 -1.24 9.49
N GLY A 127 8.09 -2.04 9.78
CA GLY A 127 8.99 -1.77 10.90
C GLY A 127 8.31 -1.55 12.24
N GLY A 130 4.02 -1.44 12.93
CA GLY A 130 4.01 -2.57 12.02
C GLY A 130 2.74 -3.42 12.06
N LYS A 131 2.02 -3.51 10.94
CA LYS A 131 0.75 -4.23 10.90
C LYS A 131 0.39 -4.48 9.45
N PRO A 132 -0.38 -5.53 9.16
CA PRO A 132 -0.93 -5.69 7.82
C PRO A 132 -2.07 -4.71 7.60
N ALA A 133 -2.48 -4.61 6.33
CA ALA A 133 -3.68 -3.84 6.01
C ALA A 133 -4.90 -4.65 6.42
N ILE A 134 -5.93 -3.96 6.92
CA ILE A 134 -7.10 -4.61 7.50
C ILE A 134 -8.36 -3.89 7.01
N ALA A 135 -9.29 -4.64 6.43
CA ALA A 135 -10.63 -4.12 6.16
C ALA A 135 -11.60 -4.69 7.20
N HIS A 136 -12.58 -3.88 7.59
CA HIS A 136 -13.46 -4.19 8.72
C HIS A 136 -14.63 -5.09 8.32
N ARG A 137 -15.38 -4.68 7.29
CA ARG A 137 -16.52 -5.36 6.65
C ARG A 137 -17.86 -5.29 7.41
N ASP A 138 -17.93 -4.64 8.57
CA ASP A 138 -19.21 -4.49 9.26
C ASP A 138 -19.24 -3.17 10.01
N LEU A 139 -18.71 -2.12 9.39
CA LEU A 139 -18.78 -0.79 9.96
C LEU A 139 -20.22 -0.31 10.01
N LYS A 140 -20.60 0.30 11.14
CA LYS A 140 -21.94 0.83 11.38
C LYS A 140 -21.92 1.54 12.73
N SER A 141 -22.94 2.37 12.99
CA SER A 141 -22.93 3.16 14.22
C SER A 141 -23.08 2.29 15.47
N LYS A 142 -23.68 1.11 15.35
CA LYS A 142 -23.70 0.20 16.49
C LYS A 142 -22.35 -0.45 16.76
N ASN A 143 -21.39 -0.41 15.82
CA ASN A 143 -20.06 -0.95 16.05
C ASN A 143 -19.02 0.13 16.35
N ILE A 144 -19.46 1.31 16.76
CA ILE A 144 -18.59 2.42 17.09
C ILE A 144 -18.99 2.89 18.48
N LEU A 145 -18.01 3.07 19.37
CA LEU A 145 -18.25 3.49 20.74
C LEU A 145 -17.78 4.94 20.94
N VAL A 146 -18.46 5.65 21.85
CA VAL A 146 -18.14 7.04 22.18
C VAL A 146 -17.33 7.08 23.46
N LYS A 147 -16.19 7.78 23.42
CA LYS A 147 -15.30 7.91 24.56
C LYS A 147 -15.61 9.21 25.30
N LYS A 148 -15.19 9.27 26.57
CA LYS A 148 -15.53 10.42 27.40
C LYS A 148 -14.91 11.71 26.86
N ASN A 149 -13.85 11.63 26.05
CA ASN A 149 -13.24 12.82 25.49
C ASN A 149 -13.89 13.25 24.17
N GLY A 150 -15.01 12.63 23.78
CA GLY A 150 -15.71 13.00 22.56
C GLY A 150 -15.22 12.32 21.30
N GLN A 151 -14.10 11.61 21.36
CA GLN A 151 -13.70 10.79 20.23
C GLN A 151 -14.38 9.44 20.30
N CYS A 152 -14.39 8.73 19.18
CA CYS A 152 -14.97 7.40 19.06
C CYS A 152 -13.89 6.34 18.85
N CYS A 153 -14.25 5.07 19.05
CA CYS A 153 -13.36 3.96 18.67
C CYS A 153 -14.17 2.88 17.97
N ILE A 154 -13.54 2.22 16.98
CA ILE A 154 -14.20 1.21 16.15
C ILE A 154 -14.08 -0.14 16.84
N ALA A 155 -15.17 -0.91 16.84
CA ALA A 155 -15.22 -2.19 17.52
C ALA A 155 -15.65 -3.27 16.53
N ASP A 156 -15.54 -4.53 16.98
CA ASP A 156 -16.00 -5.73 16.29
C ASP A 156 -15.16 -6.07 15.06
N LEU A 157 -14.09 -6.84 15.24
CA LEU A 157 -13.24 -7.25 14.13
C LEU A 157 -13.54 -8.66 13.64
N GLY A 158 -14.74 -9.17 13.94
CA GLY A 158 -15.07 -10.56 13.68
C GLY A 158 -15.20 -10.91 12.21
N LEU A 159 -15.29 -9.92 11.33
CA LEU A 159 -15.37 -10.16 9.90
C LEU A 159 -14.15 -9.64 9.17
N ALA A 160 -13.13 -9.21 9.89
CA ALA A 160 -12.07 -8.47 9.26
C ALA A 160 -11.29 -9.34 8.27
N VAL A 161 -10.72 -8.68 7.29
CA VAL A 161 -9.91 -9.28 6.25
C VAL A 161 -8.56 -8.60 6.33
N MET A 162 -7.49 -9.37 6.10
CA MET A 162 -6.13 -8.85 6.20
C MET A 162 -5.39 -9.06 4.89
N HIS A 163 -4.40 -8.21 4.65
CA HIS A 163 -3.55 -8.31 3.48
C HIS A 163 -2.16 -7.81 3.85
N SER A 164 -1.12 -8.48 3.33
CA SER A 164 0.23 -8.00 3.54
C SER A 164 0.98 -8.00 2.23
N GLN A 165 1.78 -6.94 2.04
CA GLN A 165 2.46 -6.71 0.77
C GLN A 165 3.63 -7.66 0.55
N SER A 166 4.42 -7.95 1.60
CA SER A 166 5.61 -8.78 1.43
C SER A 166 5.28 -10.10 0.72
N THR A 167 4.18 -10.73 1.12
CA THR A 167 3.72 -11.99 0.55
C THR A 167 2.64 -11.83 -0.53
N ASN A 168 2.11 -10.62 -0.70
CA ASN A 168 0.88 -10.38 -1.48
C ASN A 168 -0.20 -11.39 -1.13
N GLN A 169 -0.38 -11.65 0.16
CA GLN A 169 -1.33 -12.66 0.63
C GLN A 169 -2.59 -12.00 1.17
N LEU A 170 -3.73 -12.45 0.67
CA LEU A 170 -5.04 -12.04 1.13
C LEU A 170 -5.59 -13.11 2.07
N ASP A 171 -6.01 -12.69 3.27
CA ASP A 171 -6.52 -13.58 4.31
C ASP A 171 -7.96 -13.18 4.62
N VAL A 172 -8.93 -13.89 4.06
CA VAL A 172 -10.34 -13.53 4.22
C VAL A 172 -11.01 -14.32 5.35
N GLY A 173 -10.25 -15.11 6.09
CA GLY A 173 -10.85 -15.83 7.20
C GLY A 173 -11.81 -16.90 6.71
N ASN A 174 -12.58 -17.44 7.66
CA ASN A 174 -13.46 -18.58 7.48
C ASN A 174 -14.69 -18.37 8.37
N ASN A 175 -15.52 -17.39 8.00
CA ASN A 175 -16.66 -16.97 8.82
C ASN A 175 -17.88 -16.87 7.92
N PRO A 176 -18.92 -17.69 8.14
CA PRO A 176 -20.14 -17.59 7.30
C PRO A 176 -20.96 -16.33 7.55
N ARG A 177 -20.71 -15.62 8.65
CA ARG A 177 -21.37 -14.36 8.92
C ARG A 177 -21.19 -13.39 7.75
N VAL A 178 -22.24 -12.66 7.40
CA VAL A 178 -22.12 -11.57 6.42
C VAL A 178 -22.45 -10.25 7.13
N GLY A 179 -22.12 -9.16 6.45
CA GLY A 179 -22.28 -7.85 7.02
C GLY A 179 -23.73 -7.53 7.29
N THR A 180 -23.94 -6.49 8.08
CA THR A 180 -25.28 -5.98 8.30
C THR A 180 -25.89 -5.50 6.99
N LYS A 181 -27.06 -6.03 6.65
CA LYS A 181 -27.62 -5.79 5.32
C LYS A 181 -27.89 -4.30 5.05
N ARG A 182 -28.28 -3.53 6.07
CA ARG A 182 -28.62 -2.12 5.86
C ARG A 182 -27.43 -1.31 5.35
N TYR A 183 -26.21 -1.72 5.70
CA TYR A 183 -25.01 -0.98 5.35
C TYR A 183 -24.23 -1.62 4.20
N MET A 184 -24.77 -2.62 3.52
CA MET A 184 -24.00 -3.31 2.49
C MET A 184 -23.88 -2.47 1.23
N ALA A 185 -22.67 -2.43 0.67
CA ALA A 185 -22.38 -1.70 -0.55
C ALA A 185 -23.13 -2.34 -1.73
N PRO A 186 -23.37 -1.56 -2.79
CA PRO A 186 -24.06 -2.11 -3.98
C PRO A 186 -23.43 -3.38 -4.55
N GLU A 187 -22.09 -3.44 -4.61
CA GLU A 187 -21.45 -4.61 -5.18
C GLU A 187 -21.59 -5.85 -4.29
N VAL A 188 -21.84 -5.65 -2.99
CA VAL A 188 -22.17 -6.79 -2.13
C VAL A 188 -23.58 -7.27 -2.42
N LEU A 189 -24.53 -6.34 -2.56
CA LEU A 189 -25.92 -6.72 -2.74
C LEU A 189 -26.18 -7.31 -4.12
N ASP A 190 -25.56 -6.76 -5.17
CA ASP A 190 -25.70 -7.40 -6.47
C ASP A 190 -24.72 -8.57 -6.66
N GLU A 191 -23.86 -8.83 -5.67
CA GLU A 191 -22.98 -10.02 -5.65
C GLU A 191 -21.94 -10.02 -6.77
N THR A 192 -21.54 -8.84 -7.26
CA THR A 192 -20.47 -8.73 -8.23
C THR A 192 -19.15 -8.31 -7.62
N ILE A 193 -19.09 -8.13 -6.30
CA ILE A 193 -17.84 -7.72 -5.68
C ILE A 193 -16.76 -8.75 -5.99
N GLN A 194 -15.56 -8.28 -6.29
CA GLN A 194 -14.45 -9.18 -6.59
C GLN A 194 -13.80 -9.61 -5.28
N VAL A 195 -14.15 -10.82 -4.83
CA VAL A 195 -13.71 -11.26 -3.50
C VAL A 195 -12.23 -11.62 -3.41
N ASP A 196 -11.52 -11.80 -4.52
CA ASP A 196 -10.09 -12.10 -4.48
C ASP A 196 -9.20 -10.88 -4.31
N CYS A 197 -9.76 -9.67 -4.22
CA CYS A 197 -8.97 -8.46 -4.23
C CYS A 197 -9.18 -7.68 -2.94
N PHE A 198 -8.08 -7.32 -2.27
CA PHE A 198 -8.19 -6.68 -0.97
C PHE A 198 -8.91 -5.34 -1.06
N ASP A 199 -8.63 -4.55 -2.10
CA ASP A 199 -9.23 -3.21 -2.20
C ASP A 199 -10.75 -3.28 -2.33
N SER A 200 -11.30 -4.39 -2.81
CA SER A 200 -12.74 -4.57 -2.79
C SER A 200 -13.31 -4.33 -1.41
N TYR A 201 -12.63 -4.85 -0.37
CA TYR A 201 -13.15 -4.77 0.99
C TYR A 201 -12.92 -3.41 1.62
N LYS A 202 -11.81 -2.74 1.30
CA LYS A 202 -11.66 -1.36 1.76
C LYS A 202 -12.78 -0.46 1.26
N ARG A 203 -13.24 -0.67 0.02
CA ARG A 203 -14.27 0.21 -0.52
C ARG A 203 -15.66 -0.13 -0.01
N VAL A 204 -15.86 -1.37 0.45
CA VAL A 204 -17.08 -1.72 1.18
C VAL A 204 -17.13 -0.95 2.50
N ASP A 205 -15.98 -0.84 3.18
CA ASP A 205 -15.90 -0.02 4.39
C ASP A 205 -16.17 1.45 4.10
N ILE A 206 -15.66 1.97 2.97
CA ILE A 206 -15.84 3.40 2.71
C ILE A 206 -17.31 3.71 2.50
N TRP A 207 -18.02 2.86 1.75
CA TRP A 207 -19.46 3.00 1.59
C TRP A 207 -20.15 3.13 2.95
N ALA A 208 -19.88 2.18 3.85
CA ALA A 208 -20.53 2.17 5.16
C ALA A 208 -20.17 3.41 5.96
N PHE A 209 -18.92 3.85 5.88
CA PHE A 209 -18.51 5.06 6.57
C PHE A 209 -19.27 6.29 6.06
N GLY A 210 -19.56 6.32 4.75
CA GLY A 210 -20.44 7.36 4.23
C GLY A 210 -21.78 7.38 4.95
N LEU A 211 -22.37 6.19 5.13
CA LEU A 211 -23.66 6.10 5.82
C LEU A 211 -23.54 6.57 7.27
N VAL A 212 -22.43 6.22 7.93
CA VAL A 212 -22.22 6.69 9.31
C VAL A 212 -22.07 8.22 9.33
N LEU A 213 -21.29 8.78 8.40
CA LEU A 213 -21.15 10.23 8.29
C LEU A 213 -22.51 10.91 8.22
N TRP A 214 -23.41 10.36 7.39
CA TRP A 214 -24.75 10.90 7.24
C TRP A 214 -25.51 10.84 8.56
N GLU A 215 -25.40 9.71 9.27
CA GLU A 215 -26.07 9.54 10.57
C GLU A 215 -25.66 10.61 11.55
N VAL A 216 -24.36 10.90 11.63
CA VAL A 216 -23.85 11.85 12.60
C VAL A 216 -24.22 13.27 12.20
N ALA A 217 -24.06 13.61 10.91
CA ALA A 217 -24.30 14.97 10.43
C ALA A 217 -25.72 15.44 10.74
N ARG A 218 -26.69 14.53 10.66
CA ARG A 218 -28.08 14.89 10.93
C ARG A 218 -28.26 15.45 12.33
N ARG A 219 -27.35 15.14 13.25
CA ARG A 219 -27.49 15.52 14.65
C ARG A 219 -26.67 16.76 15.00
N MET A 220 -25.93 17.32 14.05
CA MET A 220 -25.27 18.60 14.24
C MET A 220 -26.28 19.73 14.04
N VAL A 221 -26.33 20.65 15.00
CA VAL A 221 -27.23 21.80 14.96
C VAL A 221 -26.65 22.88 14.05
N SER A 222 -27.46 23.39 13.12
CA SER A 222 -27.16 24.63 12.41
C SER A 222 -28.44 25.42 12.19
N ASN A 223 -28.33 26.75 12.24
CA ASN A 223 -29.48 27.67 12.25
C ASN A 223 -30.51 27.19 13.26
N GLY A 224 -30.01 26.67 14.38
CA GLY A 224 -30.85 26.26 15.47
C GLY A 224 -31.68 25.01 15.24
N ILE A 225 -31.56 24.36 14.08
CA ILE A 225 -32.38 23.18 13.84
C ILE A 225 -31.48 21.97 13.59
N VAL A 226 -32.11 20.80 13.67
CA VAL A 226 -31.41 19.52 13.65
C VAL A 226 -32.41 18.50 13.14
N GLU A 227 -31.92 17.42 12.55
CA GLU A 227 -32.79 16.32 12.19
C GLU A 227 -32.85 15.31 13.33
N ASP A 228 -33.96 14.57 13.40
CA ASP A 228 -34.06 13.44 14.32
C ASP A 228 -33.03 12.38 13.93
N TYR A 229 -32.53 11.63 14.92
CA TYR A 229 -31.70 10.50 14.54
C TYR A 229 -32.53 9.55 13.69
N LYS A 230 -31.95 9.10 12.59
CA LYS A 230 -32.52 8.02 11.80
C LYS A 230 -31.40 7.16 11.27
N PRO A 231 -31.63 5.86 11.12
CA PRO A 231 -30.64 4.99 10.48
C PRO A 231 -30.68 5.13 8.97
N PRO A 232 -29.59 4.83 8.28
CA PRO A 232 -29.58 4.94 6.81
C PRO A 232 -30.73 4.19 6.17
N PHE A 233 -31.37 4.82 5.18
CA PHE A 233 -32.47 4.26 4.41
C PHE A 233 -33.72 4.01 5.26
N TYR A 234 -33.83 4.67 6.41
CA TYR A 234 -35.00 4.50 7.27
C TYR A 234 -36.32 4.69 6.53
N ASP A 235 -36.36 5.60 5.55
CA ASP A 235 -37.61 5.98 4.91
C ASP A 235 -38.10 4.96 3.88
N VAL A 236 -37.28 3.96 3.52
CA VAL A 236 -37.58 3.15 2.34
C VAL A 236 -37.39 1.65 2.59
N VAL A 237 -36.89 1.28 3.77
CA VAL A 237 -36.82 -0.14 4.14
C VAL A 237 -37.30 -0.30 5.58
N PRO A 238 -37.90 -1.44 5.89
CA PRO A 238 -38.39 -1.69 7.25
C PRO A 238 -37.24 -2.04 8.19
N ASN A 239 -37.59 -2.21 9.46
CA ASN A 239 -36.63 -2.74 10.42
C ASN A 239 -36.21 -4.15 9.99
N ASP A 240 -34.95 -4.49 10.24
CA ASP A 240 -34.39 -5.77 9.82
C ASP A 240 -34.66 -6.02 8.33
N PRO A 241 -34.20 -5.13 7.45
CA PRO A 241 -34.50 -5.28 6.02
C PRO A 241 -33.87 -6.55 5.45
N SER A 242 -34.57 -7.16 4.50
CA SER A 242 -34.00 -8.34 3.87
C SER A 242 -32.92 -7.95 2.88
N PHE A 243 -32.30 -8.99 2.32
CA PHE A 243 -31.31 -8.80 1.26
C PHE A 243 -31.95 -8.19 0.03
N GLU A 244 -33.13 -8.68 -0.36
CA GLU A 244 -33.77 -8.16 -1.55
C GLU A 244 -34.29 -6.75 -1.33
N ASP A 245 -34.75 -6.41 -0.11
CA ASP A 245 -35.13 -5.04 0.22
C ASP A 245 -34.01 -4.06 -0.12
N MET A 246 -32.81 -4.32 0.42
CA MET A 246 -31.66 -3.46 0.20
C MET A 246 -31.21 -3.48 -1.26
N ARG A 247 -31.30 -4.65 -1.91
CA ARG A 247 -30.93 -4.72 -3.32
C ARG A 247 -31.84 -3.82 -4.16
N LYS A 248 -33.15 -3.94 -3.97
CA LYS A 248 -34.10 -3.10 -4.72
C LYS A 248 -33.81 -1.62 -4.52
N VAL A 249 -33.61 -1.20 -3.26
CA VAL A 249 -33.41 0.22 -2.98
C VAL A 249 -32.05 0.69 -3.47
N VAL A 250 -31.00 -0.04 -3.16
CA VAL A 250 -29.66 0.48 -3.36
C VAL A 250 -29.15 0.25 -4.78
N CYS A 251 -29.41 -0.94 -5.35
CA CYS A 251 -28.88 -1.27 -6.67
C CYS A 251 -29.87 -0.98 -7.78
N VAL A 252 -31.10 -1.47 -7.64
CA VAL A 252 -32.05 -1.36 -8.75
C VAL A 252 -32.53 0.08 -8.89
N ASP A 253 -32.99 0.69 -7.80
CA ASP A 253 -33.46 2.08 -7.84
C ASP A 253 -32.36 3.09 -7.57
N GLN A 254 -31.13 2.64 -7.30
CA GLN A 254 -29.98 3.53 -7.13
C GLN A 254 -30.23 4.65 -6.11
N GLN A 255 -30.91 4.32 -5.01
CA GLN A 255 -31.24 5.33 -4.01
C GLN A 255 -30.08 5.56 -3.04
N ARG A 256 -29.92 6.80 -2.63
CA ARG A 256 -28.91 7.23 -1.67
C ARG A 256 -29.60 8.05 -0.58
N PRO A 257 -28.99 8.16 0.60
CA PRO A 257 -29.62 8.97 1.66
C PRO A 257 -29.77 10.43 1.24
N ASN A 258 -30.90 11.02 1.62
CA ASN A 258 -31.23 12.39 1.22
C ASN A 258 -30.43 13.40 2.03
N ILE A 259 -29.87 14.39 1.33
CA ILE A 259 -29.19 15.51 1.97
C ILE A 259 -30.23 16.58 2.29
N PRO A 260 -30.50 16.88 3.56
CA PRO A 260 -31.43 17.98 3.90
C PRO A 260 -31.01 19.30 3.30
N ASN A 261 -32.00 20.12 2.94
CA ASN A 261 -31.71 21.42 2.35
C ASN A 261 -30.87 22.28 3.30
N ARG A 262 -31.16 22.22 4.61
CA ARG A 262 -30.51 23.12 5.55
C ARG A 262 -29.01 22.92 5.63
N TRP A 263 -28.48 21.77 5.17
CA TRP A 263 -27.04 21.55 5.24
C TRP A 263 -26.28 22.52 4.34
N PHE A 264 -26.85 22.84 3.17
CA PHE A 264 -26.18 23.70 2.19
C PHE A 264 -26.08 25.15 2.64
N SER A 265 -26.75 25.55 3.71
CA SER A 265 -26.54 26.85 4.33
C SER A 265 -25.49 26.83 5.43
N ASP A 266 -24.77 25.72 5.59
CA ASP A 266 -23.76 25.63 6.63
C ASP A 266 -22.47 25.12 6.02
N PRO A 267 -21.33 25.75 6.30
CA PRO A 267 -20.08 25.35 5.65
C PRO A 267 -19.65 23.93 6.01
N THR A 268 -19.76 23.57 7.28
CA THR A 268 -19.35 22.23 7.70
C THR A 268 -20.21 21.17 7.05
N LEU A 269 -21.53 21.29 7.16
CA LEU A 269 -22.42 20.27 6.64
C LEU A 269 -22.36 20.17 5.12
N THR A 270 -22.03 21.27 4.44
CA THR A 270 -21.83 21.19 2.98
C THR A 270 -20.56 20.43 2.64
N SER A 271 -19.49 20.64 3.40
CA SER A 271 -18.29 19.81 3.24
C SER A 271 -18.61 18.34 3.49
N LEU A 272 -19.23 18.04 4.63
CA LEU A 272 -19.60 16.65 4.96
C LEU A 272 -20.47 16.04 3.87
N ALA A 273 -21.38 16.83 3.29
CA ALA A 273 -22.28 16.29 2.29
C ALA A 273 -21.53 15.91 1.02
N LYS A 274 -20.49 16.69 0.69
CA LYS A 274 -19.68 16.32 -0.47
C LYS A 274 -18.87 15.07 -0.18
N LEU A 275 -18.31 14.95 1.02
CA LEU A 275 -17.62 13.73 1.42
C LEU A 275 -18.51 12.51 1.25
N MET A 276 -19.69 12.50 1.88
CA MET A 276 -20.49 11.28 1.88
C MET A 276 -20.94 10.92 0.46
N LYS A 277 -21.15 11.92 -0.41
CA LYS A 277 -21.55 11.63 -1.78
C LYS A 277 -20.44 10.90 -2.53
N GLU A 278 -19.18 11.25 -2.25
CA GLU A 278 -18.06 10.55 -2.87
C GLU A 278 -17.74 9.23 -2.19
N CYS A 279 -18.45 8.87 -1.11
CA CYS A 279 -18.40 7.52 -0.59
C CYS A 279 -19.42 6.62 -1.26
N TRP A 280 -20.34 7.18 -2.06
CA TRP A 280 -21.54 6.46 -2.46
C TRP A 280 -21.63 6.16 -3.94
N TYR A 281 -20.56 6.36 -4.72
CA TYR A 281 -20.58 5.94 -6.11
C TYR A 281 -21.02 4.47 -6.22
N GLN A 282 -21.86 4.16 -7.21
CA GLN A 282 -22.20 2.75 -7.39
C GLN A 282 -20.94 1.96 -7.69
N ASN A 283 -19.96 2.64 -8.30
CA ASN A 283 -18.75 2.01 -8.80
C ASN A 283 -17.65 2.13 -7.76
N PRO A 284 -17.23 1.02 -7.13
CA PRO A 284 -16.35 1.12 -5.95
C PRO A 284 -15.03 1.83 -6.20
N SER A 285 -14.48 1.72 -7.41
CA SER A 285 -13.20 2.38 -7.72
C SER A 285 -13.30 3.89 -7.58
N ALA A 286 -14.49 4.45 -7.74
CA ALA A 286 -14.64 5.90 -7.71
C ALA A 286 -14.67 6.47 -6.28
N ARG A 287 -14.87 5.65 -5.26
CA ARG A 287 -15.04 6.19 -3.91
C ARG A 287 -13.71 6.72 -3.38
N LEU A 288 -13.79 7.69 -2.47
CA LEU A 288 -12.61 8.17 -1.78
C LEU A 288 -12.02 7.05 -0.91
N THR A 289 -10.80 7.28 -0.42
CA THR A 289 -10.15 6.37 0.49
C THR A 289 -10.17 6.95 1.90
N ALA A 290 -9.98 6.06 2.88
CA ALA A 290 -10.03 6.47 4.28
C ALA A 290 -9.06 7.60 4.54
N LEU A 291 -7.86 7.51 3.98
CA LEU A 291 -6.84 8.53 4.22
C LEU A 291 -7.25 9.87 3.61
N ARG A 292 -7.85 9.84 2.42
CA ARG A 292 -8.33 11.07 1.83
C ARG A 292 -9.44 11.69 2.67
N ILE A 293 -10.35 10.85 3.18
CA ILE A 293 -11.41 11.36 4.06
C ILE A 293 -10.81 11.96 5.32
N LYS A 294 -9.85 11.26 5.94
CA LYS A 294 -9.21 11.79 7.13
C LYS A 294 -8.55 13.14 6.85
N LYS A 295 -7.82 13.24 5.73
CA LYS A 295 -7.16 14.51 5.40
C LYS A 295 -8.19 15.65 5.27
N THR A 296 -9.21 15.44 4.44
CA THR A 296 -10.26 16.44 4.28
C THR A 296 -10.88 16.84 5.60
N LEU A 297 -11.26 15.86 6.44
CA LEU A 297 -11.90 16.17 7.71
C LEU A 297 -10.99 17.00 8.61
N THR A 298 -9.69 16.71 8.61
CA THR A 298 -8.77 17.49 9.42
C THR A 298 -8.72 18.96 9.01
N LYS A 299 -9.12 19.27 7.77
CA LYS A 299 -9.05 20.65 7.30
C LYS A 299 -10.27 21.47 7.73
N ILE A 300 -11.48 20.96 7.47
CA ILE A 300 -12.75 21.65 7.79
C ILE A 300 -12.70 22.54 9.01
N THR B 5 20.85 29.67 -10.44
CA THR B 5 20.59 28.23 -10.44
C THR B 5 21.87 27.40 -10.37
N VAL B 6 21.70 26.13 -9.99
CA VAL B 6 22.85 25.24 -9.83
C VAL B 6 23.59 25.07 -11.16
N ALA B 7 22.86 25.04 -12.28
CA ALA B 7 23.51 24.80 -13.57
C ALA B 7 24.51 25.90 -13.91
N HIS B 8 24.19 27.15 -13.55
CA HIS B 8 25.08 28.25 -13.89
C HIS B 8 26.22 28.42 -12.89
N GLN B 9 26.22 27.65 -11.79
CA GLN B 9 27.37 27.58 -10.89
C GLN B 9 28.23 26.35 -11.13
N ILE B 10 28.02 25.66 -12.25
CA ILE B 10 28.64 24.36 -12.51
C ILE B 10 29.49 24.47 -13.77
N THR B 11 30.65 23.83 -13.74
CA THR B 11 31.47 23.71 -14.93
C THR B 11 31.59 22.23 -15.27
N LEU B 12 31.26 21.87 -16.51
CA LEU B 12 31.47 20.52 -16.98
C LEU B 12 32.97 20.29 -17.18
N LEU B 13 33.48 19.17 -16.67
CA LEU B 13 34.91 18.88 -16.71
C LEU B 13 35.25 17.72 -17.62
N GLU B 14 34.59 16.57 -17.46
CA GLU B 14 34.85 15.47 -18.38
C GLU B 14 33.59 14.63 -18.57
N CYS B 15 33.39 14.19 -19.79
CA CYS B 15 32.25 13.35 -20.13
C CYS B 15 32.63 11.90 -19.83
N VAL B 16 31.91 11.29 -18.90
CA VAL B 16 32.17 9.91 -18.48
C VAL B 16 31.30 8.90 -19.21
N GLY B 17 30.38 9.35 -20.06
CA GLY B 17 29.52 8.44 -20.77
C GLY B 17 28.61 9.14 -21.75
N LYS B 18 28.26 8.44 -22.82
CA LYS B 18 27.42 9.03 -23.85
C LYS B 18 26.74 7.91 -24.61
N GLY B 19 25.43 8.01 -24.76
CA GLY B 19 24.64 7.02 -25.47
C GLY B 19 23.43 7.65 -26.09
N ARG B 20 22.42 6.84 -26.48
CA ARG B 20 21.22 7.42 -27.08
C ARG B 20 20.48 8.30 -26.09
N TYR B 21 20.60 8.01 -24.78
CA TYR B 21 19.92 8.77 -23.73
C TYR B 21 20.44 10.21 -23.64
N GLY B 22 21.69 10.44 -24.02
CA GLY B 22 22.35 11.72 -23.83
C GLY B 22 23.77 11.55 -23.34
N GLU B 23 24.22 12.38 -22.41
CA GLU B 23 25.58 12.31 -21.91
C GLU B 23 25.59 12.47 -20.40
N VAL B 24 26.61 11.90 -19.76
CA VAL B 24 26.87 12.11 -18.34
C VAL B 24 28.27 12.69 -18.19
N TRP B 25 28.38 13.78 -17.42
CA TRP B 25 29.62 14.49 -17.17
C TRP B 25 29.94 14.52 -15.69
N ARG B 26 31.24 14.47 -15.37
CA ARG B 26 31.72 14.93 -14.09
C ARG B 26 31.82 16.45 -14.16
N GLY B 27 31.10 17.13 -13.27
CA GLY B 27 31.12 18.57 -13.24
C GLY B 27 31.66 19.09 -11.92
N SER B 28 32.01 20.36 -11.90
CA SER B 28 32.44 21.03 -10.68
C SER B 28 31.36 22.01 -10.24
N TRP B 29 30.79 21.78 -9.06
CA TRP B 29 29.81 22.71 -8.49
C TRP B 29 30.53 23.50 -7.42
N GLN B 30 31.08 24.66 -7.82
CA GLN B 30 31.92 25.49 -6.96
C GLN B 30 33.11 24.71 -6.41
N GLY B 31 33.66 23.79 -7.21
CA GLY B 31 34.79 22.97 -6.80
C GLY B 31 34.44 21.55 -6.39
N GLU B 32 33.20 21.29 -5.96
CA GLU B 32 32.79 19.95 -5.55
C GLU B 32 32.29 19.15 -6.75
N ASN B 33 32.73 17.89 -6.85
CA ASN B 33 32.32 17.05 -7.96
C ASN B 33 30.82 16.74 -7.90
N VAL B 34 30.15 16.82 -9.05
CA VAL B 34 28.75 16.45 -9.21
C VAL B 34 28.63 15.69 -10.52
N ALA B 35 27.59 14.86 -10.61
CA ALA B 35 27.22 14.23 -11.87
C ALA B 35 26.19 15.09 -12.58
N VAL B 36 26.40 15.34 -13.86
CA VAL B 36 25.47 16.11 -14.68
C VAL B 36 25.05 15.24 -15.84
N LYS B 37 23.78 14.88 -15.89
CA LYS B 37 23.20 14.19 -17.03
C LYS B 37 22.57 15.23 -17.95
N ILE B 38 23.03 15.25 -19.20
CA ILE B 38 22.46 16.11 -20.24
C ILE B 38 21.62 15.23 -21.16
N PHE B 39 20.33 15.51 -21.26
CA PHE B 39 19.45 14.64 -22.03
C PHE B 39 19.54 14.98 -23.51
N SER B 40 19.24 14.00 -24.35
CA SER B 40 19.09 14.31 -25.77
C SER B 40 17.77 15.03 -25.99
N SER B 41 17.67 15.75 -27.11
CA SER B 41 16.44 16.46 -27.42
C SER B 41 15.26 15.50 -27.52
N ARG B 42 15.52 14.28 -27.97
CA ARG B 42 14.50 13.25 -28.15
C ARG B 42 14.01 12.65 -26.84
N ASP B 43 14.62 13.01 -25.71
CA ASP B 43 14.33 12.36 -24.44
C ASP B 43 13.95 13.37 -23.36
N GLU B 44 13.38 14.51 -23.77
CA GLU B 44 13.04 15.53 -22.79
C GLU B 44 11.93 15.05 -21.85
N LYS B 45 11.09 14.12 -22.30
CA LYS B 45 10.05 13.63 -21.40
C LYS B 45 10.66 12.87 -20.22
N SER B 46 11.79 12.20 -20.41
CA SER B 46 12.47 11.58 -19.28
C SER B 46 12.99 12.64 -18.30
N TRP B 47 13.59 13.72 -18.83
CA TRP B 47 14.03 14.79 -17.94
C TRP B 47 12.85 15.34 -17.15
N PHE B 48 11.72 15.52 -17.82
CA PHE B 48 10.53 16.07 -17.14
C PHE B 48 10.07 15.13 -16.03
N ARG B 49 10.06 13.82 -16.29
CA ARG B 49 9.60 12.86 -15.28
C ARG B 49 10.52 12.85 -14.06
N GLU B 50 11.85 12.76 -14.28
CA GLU B 50 12.76 12.74 -13.14
C GLU B 50 12.66 14.03 -12.33
N THR B 51 12.60 15.17 -13.02
CA THR B 51 12.42 16.44 -12.32
C THR B 51 11.15 16.42 -11.49
N GLU B 52 10.04 15.98 -12.09
CA GLU B 52 8.77 15.93 -11.35
C GLU B 52 8.90 15.07 -10.10
N LEU B 53 9.38 13.83 -10.26
CA LEU B 53 9.48 12.91 -9.13
C LEU B 53 10.34 13.49 -8.00
N TYR B 54 11.55 13.96 -8.33
CA TYR B 54 12.49 14.42 -7.32
C TYR B 54 12.04 15.71 -6.65
N ASN B 55 11.17 16.49 -7.29
CA ASN B 55 10.68 17.74 -6.71
C ASN B 55 9.40 17.57 -5.90
N THR B 56 8.61 16.55 -6.20
CA THR B 56 7.30 16.39 -5.58
C THR B 56 7.20 15.14 -4.71
N VAL B 57 8.25 14.32 -4.63
CA VAL B 57 8.28 13.13 -3.79
C VAL B 57 9.54 13.18 -2.94
N MET B 58 9.40 12.86 -1.65
CA MET B 58 10.56 12.73 -0.76
C MET B 58 11.28 11.42 -1.10
N LEU B 59 12.49 11.52 -1.64
CA LEU B 59 13.18 10.29 -2.09
C LEU B 59 14.57 10.12 -1.51
N ARG B 60 14.94 10.88 -0.47
CA ARG B 60 16.20 10.65 0.21
C ARG B 60 16.27 9.22 0.75
N HIS B 61 17.23 8.44 0.26
CA HIS B 61 17.44 7.09 0.73
C HIS B 61 18.86 6.67 0.34
N GLU B 62 19.51 5.93 1.24
CA GLU B 62 20.89 5.50 1.01
C GLU B 62 21.09 4.87 -0.37
N ASN B 63 20.08 4.15 -0.88
CA ASN B 63 20.25 3.38 -2.10
C ASN B 63 19.44 3.92 -3.27
N ILE B 64 19.11 5.21 -3.26
CA ILE B 64 18.51 5.91 -4.38
C ILE B 64 19.40 7.09 -4.70
N LEU B 65 19.79 7.24 -5.97
CA LEU B 65 20.69 8.31 -6.38
C LEU B 65 20.21 9.66 -5.83
N GLY B 66 21.14 10.37 -5.20
CA GLY B 66 20.83 11.62 -4.55
C GLY B 66 20.66 12.77 -5.53
N PHE B 67 19.54 13.45 -5.45
CA PHE B 67 19.22 14.56 -6.34
C PHE B 67 19.80 15.85 -5.80
N ILE B 68 20.35 16.69 -6.69
CA ILE B 68 20.79 18.03 -6.32
C ILE B 68 19.92 19.09 -6.99
N ALA B 69 19.80 19.06 -8.31
CA ALA B 69 19.00 20.08 -8.98
C ALA B 69 18.67 19.63 -10.40
N SER B 70 17.62 20.21 -10.94
CA SER B 70 17.26 20.06 -12.34
C SER B 70 17.22 21.44 -12.95
N ASP B 71 17.82 21.59 -14.13
CA ASP B 71 17.93 22.93 -14.70
C ASP B 71 17.97 22.88 -16.22
N MET B 72 17.65 24.04 -16.81
CA MET B 72 17.84 24.32 -18.23
C MET B 72 18.98 25.31 -18.40
N THR B 73 19.79 25.12 -19.43
CA THR B 73 20.86 26.05 -19.71
C THR B 73 21.12 26.04 -21.20
N SER B 74 22.00 26.93 -21.64
CA SER B 74 22.27 27.12 -23.06
C SER B 74 23.70 26.69 -23.38
N ARG B 75 23.89 26.14 -24.59
CA ARG B 75 25.20 25.80 -25.14
C ARG B 75 25.10 25.86 -26.66
N HIS B 76 26.03 26.59 -27.29
CA HIS B 76 26.00 26.88 -28.73
C HIS B 76 24.59 27.26 -29.19
N SER B 77 23.95 28.19 -28.47
CA SER B 77 22.65 28.75 -28.88
C SER B 77 21.55 27.69 -28.87
N SER B 78 21.73 26.64 -28.08
CA SER B 78 20.77 25.55 -27.99
C SER B 78 20.49 25.19 -26.53
N THR B 79 19.23 24.91 -26.24
CA THR B 79 18.85 24.56 -24.88
C THR B 79 19.33 23.15 -24.52
N GLN B 80 19.89 23.02 -23.32
CA GLN B 80 20.27 21.74 -22.73
C GLN B 80 19.48 21.52 -21.43
N LEU B 81 18.92 20.34 -21.26
CA LEU B 81 18.24 19.95 -20.03
C LEU B 81 19.20 19.14 -19.16
N TRP B 82 19.51 19.66 -17.99
CA TRP B 82 20.45 19.02 -17.05
C TRP B 82 19.72 18.41 -15.85
N LEU B 83 20.15 17.22 -15.44
CA LEU B 83 19.84 16.68 -14.13
C LEU B 83 21.16 16.55 -13.36
N ILE B 84 21.24 17.20 -12.20
CA ILE B 84 22.46 17.26 -11.41
C ILE B 84 22.26 16.41 -10.17
N THR B 85 23.19 15.47 -9.93
CA THR B 85 23.08 14.51 -8.84
C THR B 85 24.44 14.36 -8.17
N HIS B 86 24.47 13.64 -7.06
CA HIS B 86 25.75 13.31 -6.46
C HIS B 86 26.60 12.51 -7.46
N TYR B 87 27.91 12.71 -7.39
CA TYR B 87 28.86 12.02 -8.26
C TYR B 87 29.37 10.76 -7.58
N HIS B 88 29.43 9.66 -8.33
CA HIS B 88 29.93 8.39 -7.80
C HIS B 88 31.12 7.95 -8.68
N GLU B 89 32.32 8.14 -8.16
CA GLU B 89 33.50 7.93 -9.00
C GLU B 89 33.66 6.47 -9.40
N MET B 90 33.07 5.53 -8.65
CA MET B 90 33.21 4.13 -9.04
C MET B 90 32.40 3.78 -10.29
N GLY B 91 31.46 4.64 -10.69
CA GLY B 91 30.69 4.37 -11.90
C GLY B 91 29.52 3.44 -11.68
N SER B 92 28.97 2.95 -12.79
CA SER B 92 27.80 2.09 -12.69
C SER B 92 28.22 0.69 -12.28
N LEU B 93 27.23 -0.07 -11.80
CA LEU B 93 27.43 -1.49 -11.56
C LEU B 93 27.95 -2.19 -12.81
N TYR B 94 27.44 -1.81 -13.99
CA TYR B 94 27.90 -2.44 -15.23
C TYR B 94 29.39 -2.24 -15.45
N ASP B 95 29.90 -1.03 -15.19
CA ASP B 95 31.34 -0.80 -15.29
C ASP B 95 32.08 -1.60 -14.24
N TYR B 96 31.63 -1.49 -13.00
CA TYR B 96 32.32 -2.07 -11.85
C TYR B 96 32.47 -3.58 -11.99
N LEU B 97 31.41 -4.26 -12.43
CA LEU B 97 31.48 -5.72 -12.57
C LEU B 97 32.52 -6.16 -13.60
N GLN B 98 32.89 -5.27 -14.53
CA GLN B 98 33.96 -5.62 -15.46
C GLN B 98 35.34 -5.26 -14.92
N LEU B 99 35.40 -4.37 -13.93
CA LEU B 99 36.66 -3.93 -13.35
C LEU B 99 37.19 -4.90 -12.29
N THR B 100 36.32 -5.66 -11.61
CA THR B 100 36.75 -6.41 -10.44
C THR B 100 35.83 -7.61 -10.22
N THR B 101 36.38 -8.60 -9.51
CA THR B 101 35.61 -9.72 -8.98
C THR B 101 35.21 -9.40 -7.56
N LEU B 102 34.31 -10.21 -6.99
CA LEU B 102 33.73 -9.93 -5.69
C LEU B 102 33.93 -11.11 -4.75
N ASP B 103 34.07 -10.83 -3.46
CA ASP B 103 33.96 -11.90 -2.48
C ASP B 103 32.53 -11.96 -1.97
N THR B 104 32.30 -12.82 -0.98
CA THR B 104 30.94 -13.06 -0.49
C THR B 104 30.33 -11.80 0.12
N VAL B 105 31.08 -11.10 0.98
CA VAL B 105 30.51 -9.94 1.65
C VAL B 105 30.23 -8.82 0.64
N SER B 106 31.16 -8.57 -0.28
CA SER B 106 30.96 -7.54 -1.30
C SER B 106 29.76 -7.85 -2.19
N CYS B 107 29.61 -9.11 -2.59
CA CYS B 107 28.50 -9.47 -3.46
C CYS B 107 27.15 -9.29 -2.76
N LEU B 108 27.06 -9.73 -1.49
CA LEU B 108 25.82 -9.58 -0.73
C LEU B 108 25.52 -8.11 -0.45
N ARG B 109 26.55 -7.32 -0.12
CA ARG B 109 26.35 -5.89 0.10
C ARG B 109 25.75 -5.23 -1.15
N ILE B 110 26.27 -5.55 -2.33
CA ILE B 110 25.72 -5.01 -3.57
C ILE B 110 24.27 -5.39 -3.74
N VAL B 111 23.96 -6.70 -3.69
CA VAL B 111 22.61 -7.11 -4.04
C VAL B 111 21.60 -6.71 -2.97
N LEU B 112 22.01 -6.70 -1.70
CA LEU B 112 21.07 -6.29 -0.65
C LEU B 112 20.79 -4.80 -0.71
N SER B 113 21.79 -3.99 -1.10
CA SER B 113 21.56 -2.56 -1.20
C SER B 113 20.66 -2.23 -2.39
N ILE B 114 20.78 -2.98 -3.48
CA ILE B 114 19.85 -2.79 -4.60
C ILE B 114 18.43 -3.16 -4.17
N ALA B 115 18.28 -4.27 -3.45
CA ALA B 115 16.95 -4.69 -3.00
C ALA B 115 16.35 -3.68 -2.02
N SER B 116 17.17 -3.12 -1.13
CA SER B 116 16.67 -2.07 -0.22
C SER B 116 16.17 -0.87 -1.01
N GLY B 117 16.97 -0.40 -1.97
CA GLY B 117 16.54 0.72 -2.78
C GLY B 117 15.27 0.42 -3.56
N LEU B 118 15.18 -0.77 -4.16
CA LEU B 118 13.99 -1.14 -4.90
C LEU B 118 12.78 -1.29 -4.00
N ALA B 119 12.95 -1.93 -2.83
CA ALA B 119 11.87 -2.00 -1.85
C ALA B 119 11.44 -0.60 -1.43
N HIS B 120 12.39 0.31 -1.24
CA HIS B 120 12.00 1.67 -0.86
C HIS B 120 11.18 2.34 -1.96
N LEU B 121 11.55 2.10 -3.23
CA LEU B 121 10.75 2.65 -4.31
C LEU B 121 9.35 2.06 -4.32
N HIS B 122 9.25 0.73 -4.22
CA HIS B 122 7.98 0.02 -4.42
C HIS B 122 6.95 0.29 -3.31
N ILE B 123 7.39 0.66 -2.13
CA ILE B 123 6.52 0.73 -0.96
C ILE B 123 6.00 2.15 -0.76
N GLU B 124 4.70 2.29 -0.50
CA GLU B 124 4.11 3.58 -0.19
C GLU B 124 4.23 3.86 1.30
N ILE B 125 4.83 5.00 1.63
CA ILE B 125 4.94 5.50 3.01
C ILE B 125 3.93 6.62 3.19
N PHE B 126 3.27 6.64 4.35
CA PHE B 126 2.20 7.60 4.64
C PHE B 126 2.63 8.66 5.66
N GLY B 130 7.15 10.55 3.74
CA GLY B 130 6.08 9.88 3.01
C GLY B 130 6.25 9.94 1.50
N LYS B 131 5.79 8.92 0.78
CA LYS B 131 5.98 8.85 -0.66
C LYS B 131 4.90 7.96 -1.25
N PRO B 132 4.49 8.17 -2.48
CA PRO B 132 3.71 7.16 -3.17
C PRO B 132 4.58 5.95 -3.47
N ALA B 133 3.94 4.87 -3.89
CA ALA B 133 4.65 3.73 -4.44
C ALA B 133 5.14 4.07 -5.83
N ILE B 134 6.32 3.59 -6.18
CA ILE B 134 6.97 3.92 -7.45
C ILE B 134 7.49 2.65 -8.09
N ALA B 135 7.18 2.45 -9.36
CA ALA B 135 7.83 1.41 -10.16
C ALA B 135 8.86 2.05 -11.09
N HIS B 136 10.01 1.39 -11.22
CA HIS B 136 11.14 1.98 -11.94
C HIS B 136 10.97 1.87 -13.44
N ARG B 137 10.82 0.63 -13.93
CA ARG B 137 10.54 0.23 -15.30
C ARG B 137 11.76 0.23 -16.20
N ASP B 138 12.96 0.53 -15.71
CA ASP B 138 14.13 0.39 -16.57
C ASP B 138 15.34 -0.06 -15.76
N LEU B 139 15.12 -0.99 -14.84
CA LEU B 139 16.20 -1.43 -13.96
C LEU B 139 17.20 -2.26 -14.76
N LYS B 140 18.47 -1.92 -14.61
CA LYS B 140 19.54 -2.66 -15.26
C LYS B 140 20.84 -2.24 -14.58
N SER B 141 21.92 -2.99 -14.86
CA SER B 141 23.17 -2.72 -14.19
C SER B 141 23.76 -1.37 -14.61
N LYS B 142 23.40 -0.87 -15.79
CA LYS B 142 23.86 0.47 -16.17
C LYS B 142 23.10 1.58 -15.45
N ASN B 143 21.97 1.28 -14.81
CA ASN B 143 21.19 2.27 -14.07
C ASN B 143 21.37 2.13 -12.57
N ILE B 144 22.44 1.47 -12.14
CA ILE B 144 22.80 1.30 -10.76
C ILE B 144 24.21 1.84 -10.62
N LEU B 145 24.45 2.67 -9.61
CA LEU B 145 25.79 3.20 -9.35
C LEU B 145 26.38 2.56 -8.11
N VAL B 146 27.71 2.38 -8.12
CA VAL B 146 28.40 1.83 -6.97
C VAL B 146 29.02 2.96 -6.16
N LYS B 147 28.73 2.97 -4.86
CA LYS B 147 29.30 3.92 -3.92
C LYS B 147 30.59 3.36 -3.30
N LYS B 148 31.39 4.25 -2.72
CA LYS B 148 32.69 3.83 -2.19
C LYS B 148 32.54 2.89 -1.00
N ASN B 149 31.45 3.01 -0.23
CA ASN B 149 31.25 2.02 0.84
C ASN B 149 30.79 0.62 0.32
N GLY B 150 30.78 0.32 -0.98
CA GLY B 150 30.41 -1.00 -1.46
C GLY B 150 28.94 -1.22 -1.68
N GLN B 151 28.08 -0.36 -1.12
CA GLN B 151 26.65 -0.35 -1.42
C GLN B 151 26.39 0.37 -2.74
N CYS B 152 25.19 0.17 -3.27
CA CYS B 152 24.80 0.70 -4.57
C CYS B 152 23.65 1.68 -4.40
N CYS B 153 23.35 2.41 -5.47
CA CYS B 153 22.12 3.21 -5.48
C CYS B 153 21.51 3.21 -6.88
N ILE B 154 20.19 3.24 -6.91
CA ILE B 154 19.42 3.16 -8.13
C ILE B 154 19.23 4.56 -8.70
N ALA B 155 19.39 4.67 -10.03
CA ALA B 155 19.28 5.94 -10.75
C ALA B 155 18.31 5.81 -11.91
N ASP B 156 18.01 6.95 -12.55
CA ASP B 156 17.24 7.03 -13.78
C ASP B 156 15.75 6.75 -13.55
N LEU B 157 15.02 7.74 -13.04
CA LEU B 157 13.59 7.59 -12.77
C LEU B 157 12.72 8.10 -13.92
N GLY B 158 13.30 8.21 -15.12
CA GLY B 158 12.61 8.81 -16.24
C GLY B 158 11.43 8.04 -16.76
N LEU B 159 11.35 6.74 -16.48
CA LEU B 159 10.20 5.93 -16.89
C LEU B 159 9.28 5.62 -15.73
N ALA B 160 9.51 6.22 -14.57
CA ALA B 160 8.89 5.75 -13.36
C ALA B 160 7.38 6.01 -13.38
N VAL B 161 6.66 5.10 -12.72
CA VAL B 161 5.21 5.13 -12.60
C VAL B 161 4.90 5.15 -11.12
N MET B 162 3.85 5.88 -10.74
CA MET B 162 3.50 6.05 -9.34
C MET B 162 2.06 5.66 -9.10
N HIS B 163 1.80 5.25 -7.86
CA HIS B 163 0.47 4.89 -7.40
C HIS B 163 0.37 5.31 -5.94
N SER B 164 -0.76 5.89 -5.56
CA SER B 164 -0.99 6.22 -4.16
C SER B 164 -2.33 5.66 -3.73
N GLN B 165 -2.36 5.05 -2.54
CA GLN B 165 -3.57 4.54 -1.94
C GLN B 165 -4.39 5.64 -1.27
N SER B 166 -3.85 6.86 -1.17
CA SER B 166 -4.63 8.02 -0.77
C SER B 166 -5.46 8.55 -1.95
N THR B 167 -4.83 8.70 -3.11
CA THR B 167 -5.51 9.18 -4.30
C THR B 167 -6.24 8.07 -5.06
N ASN B 168 -5.84 6.81 -4.88
CA ASN B 168 -6.28 5.67 -5.68
C ASN B 168 -6.31 6.03 -7.17
N GLN B 169 -5.16 6.48 -7.66
CA GLN B 169 -4.97 6.81 -9.06
C GLN B 169 -3.58 6.35 -9.50
N LEU B 170 -3.52 5.78 -10.69
CA LEU B 170 -2.27 5.39 -11.32
C LEU B 170 -1.75 6.55 -12.15
N ASP B 171 -0.48 6.92 -11.94
CA ASP B 171 0.18 8.01 -12.65
C ASP B 171 1.28 7.40 -13.53
N VAL B 172 0.96 7.15 -14.81
CA VAL B 172 1.90 6.56 -15.75
C VAL B 172 2.72 7.61 -16.50
N GLY B 173 2.46 8.89 -16.27
CA GLY B 173 3.20 9.89 -16.99
C GLY B 173 2.79 9.94 -18.45
N ASN B 174 3.72 10.44 -19.27
CA ASN B 174 3.47 10.75 -20.67
C ASN B 174 4.83 10.69 -21.38
N ASN B 175 5.38 9.47 -21.51
CA ASN B 175 6.73 9.28 -22.02
C ASN B 175 6.71 8.24 -23.14
N PRO B 176 7.15 8.59 -24.35
CA PRO B 176 7.25 7.58 -25.41
C PRO B 176 8.49 6.69 -25.32
N ARG B 177 9.34 6.86 -24.31
CA ARG B 177 10.46 5.96 -24.11
C ARG B 177 9.96 4.60 -23.60
N VAL B 178 10.65 3.53 -23.99
CA VAL B 178 10.41 2.22 -23.40
C VAL B 178 11.71 1.67 -22.85
N GLY B 179 11.57 0.71 -21.92
CA GLY B 179 12.73 0.16 -21.24
C GLY B 179 13.67 -0.58 -22.20
N THR B 180 14.87 -0.83 -21.70
CA THR B 180 15.83 -1.65 -22.45
C THR B 180 15.25 -3.02 -22.74
N LYS B 181 15.34 -3.44 -24.01
CA LYS B 181 14.64 -4.64 -24.44
C LYS B 181 15.25 -5.90 -23.80
N ARG B 182 16.56 -5.91 -23.60
CA ARG B 182 17.24 -7.06 -23.02
C ARG B 182 16.68 -7.41 -21.64
N TYR B 183 16.17 -6.44 -20.90
CA TYR B 183 15.69 -6.64 -19.54
C TYR B 183 14.17 -6.72 -19.45
N MET B 184 13.46 -6.69 -20.58
CA MET B 184 12.00 -6.69 -20.54
C MET B 184 11.45 -8.04 -20.10
N ALA B 185 10.51 -8.00 -19.16
CA ALA B 185 9.84 -9.20 -18.69
C ALA B 185 8.96 -9.80 -19.79
N PRO B 186 8.58 -11.08 -19.67
CA PRO B 186 7.84 -11.71 -20.78
C PRO B 186 6.47 -11.08 -21.05
N GLU B 187 5.75 -10.65 -20.01
CA GLU B 187 4.46 -10.02 -20.23
C GLU B 187 4.57 -8.69 -20.96
N VAL B 188 5.75 -8.06 -20.96
CA VAL B 188 5.93 -6.84 -21.74
C VAL B 188 6.19 -7.18 -23.20
N LEU B 189 6.96 -8.24 -23.46
CA LEU B 189 7.29 -8.63 -24.83
C LEU B 189 6.06 -9.12 -25.58
N ASP B 190 5.23 -9.95 -24.96
CA ASP B 190 4.03 -10.45 -25.62
C ASP B 190 2.82 -9.56 -25.35
N GLU B 191 3.04 -8.37 -24.77
CA GLU B 191 2.04 -7.32 -24.65
C GLU B 191 0.81 -7.77 -23.88
N THR B 192 0.99 -8.75 -22.99
CA THR B 192 -0.07 -9.23 -22.12
C THR B 192 -0.07 -8.54 -20.76
N ILE B 193 0.75 -7.51 -20.57
CA ILE B 193 0.85 -6.87 -19.26
C ILE B 193 -0.40 -6.05 -19.00
N GLN B 194 -0.94 -6.19 -17.79
CA GLN B 194 -2.15 -5.50 -17.38
C GLN B 194 -1.77 -4.05 -17.07
N VAL B 195 -1.82 -3.21 -18.12
CA VAL B 195 -1.29 -1.86 -18.04
C VAL B 195 -2.01 -1.00 -17.00
N ASP B 196 -3.19 -1.44 -16.54
CA ASP B 196 -3.99 -0.64 -15.61
C ASP B 196 -3.68 -0.94 -14.14
N CYS B 197 -2.95 -2.02 -13.86
CA CYS B 197 -2.65 -2.43 -12.49
C CYS B 197 -1.25 -1.98 -12.13
N PHE B 198 -1.12 -1.32 -10.97
CA PHE B 198 0.19 -0.86 -10.55
C PHE B 198 1.14 -2.04 -10.33
N ASP B 199 0.64 -3.14 -9.74
CA ASP B 199 1.49 -4.29 -9.45
C ASP B 199 2.15 -4.86 -10.71
N SER B 200 1.52 -4.71 -11.87
CA SER B 200 2.13 -5.17 -13.10
C SER B 200 3.52 -4.57 -13.27
N TYR B 201 3.67 -3.28 -12.93
CA TYR B 201 4.94 -2.60 -13.14
C TYR B 201 6.00 -3.02 -12.12
N LYS B 202 5.61 -3.19 -10.85
CA LYS B 202 6.56 -3.71 -9.86
C LYS B 202 7.06 -5.09 -10.25
N ARG B 203 6.19 -5.92 -10.85
CA ARG B 203 6.61 -7.26 -11.26
C ARG B 203 7.56 -7.22 -12.46
N VAL B 204 7.46 -6.18 -13.28
CA VAL B 204 8.44 -5.98 -14.33
C VAL B 204 9.79 -5.58 -13.75
N ASP B 205 9.77 -4.79 -12.66
CA ASP B 205 11.02 -4.47 -11.97
C ASP B 205 11.67 -5.73 -11.40
N ILE B 206 10.86 -6.62 -10.79
CA ILE B 206 11.41 -7.81 -10.13
C ILE B 206 12.08 -8.74 -11.14
N TRP B 207 11.51 -8.83 -12.35
CA TRP B 207 12.12 -9.63 -13.39
C TRP B 207 13.49 -9.09 -13.77
N ALA B 208 13.60 -7.77 -13.96
CA ALA B 208 14.89 -7.17 -14.27
C ALA B 208 15.85 -7.33 -13.11
N PHE B 209 15.37 -7.11 -11.89
CA PHE B 209 16.22 -7.30 -10.72
C PHE B 209 16.85 -8.70 -10.72
N GLY B 210 16.08 -9.73 -11.07
CA GLY B 210 16.64 -11.07 -11.13
C GLY B 210 17.75 -11.19 -12.16
N LEU B 211 17.60 -10.48 -13.29
CA LEU B 211 18.68 -10.46 -14.28
C LEU B 211 19.93 -9.79 -13.70
N VAL B 212 19.75 -8.70 -12.94
CA VAL B 212 20.89 -8.04 -12.30
C VAL B 212 21.55 -8.96 -11.27
N LEU B 213 20.73 -9.65 -10.47
CA LEU B 213 21.28 -10.64 -9.52
C LEU B 213 22.19 -11.63 -10.20
N TRP B 214 21.72 -12.20 -11.32
CA TRP B 214 22.54 -13.10 -12.13
C TRP B 214 23.83 -12.45 -12.59
N GLU B 215 23.79 -11.18 -13.01
CA GLU B 215 24.99 -10.47 -13.49
C GLU B 215 26.04 -10.35 -12.39
N VAL B 216 25.60 -10.02 -11.18
CA VAL B 216 26.52 -9.82 -10.05
C VAL B 216 27.07 -11.17 -9.58
N ALA B 217 26.19 -12.14 -9.41
CA ALA B 217 26.58 -13.44 -8.85
C ALA B 217 27.71 -14.06 -9.66
N ARG B 218 27.73 -13.84 -10.98
CA ARG B 218 28.77 -14.41 -11.84
C ARG B 218 30.16 -13.94 -11.43
N ARG B 219 30.28 -12.74 -10.85
CA ARG B 219 31.54 -12.16 -10.48
C ARG B 219 31.94 -12.41 -9.03
N MET B 220 31.12 -13.14 -8.27
CA MET B 220 31.53 -13.54 -6.92
C MET B 220 32.41 -14.77 -7.01
N VAL B 221 33.57 -14.70 -6.40
CA VAL B 221 34.48 -15.84 -6.41
C VAL B 221 34.08 -16.83 -5.33
N SER B 222 34.08 -18.12 -5.69
CA SER B 222 33.94 -19.21 -4.74
C SER B 222 34.89 -20.33 -5.14
N ASN B 223 35.71 -20.77 -4.21
CA ASN B 223 36.68 -21.84 -4.47
C ASN B 223 37.62 -21.46 -5.61
N GLY B 224 37.99 -20.18 -5.67
CA GLY B 224 38.81 -19.67 -6.76
C GLY B 224 38.17 -19.67 -8.13
N ILE B 225 36.90 -20.03 -8.26
CA ILE B 225 36.20 -20.02 -9.53
C ILE B 225 35.37 -18.74 -9.65
N VAL B 226 35.37 -18.16 -10.86
CA VAL B 226 34.54 -17.01 -11.18
C VAL B 226 34.26 -17.05 -12.66
N GLU B 227 33.16 -16.42 -13.07
CA GLU B 227 32.79 -16.32 -14.48
C GLU B 227 33.15 -14.94 -15.02
N ASP B 228 33.42 -14.88 -16.33
CA ASP B 228 33.51 -13.59 -17.01
C ASP B 228 32.21 -12.80 -16.83
N TYR B 229 32.32 -11.47 -16.79
CA TYR B 229 31.12 -10.65 -16.91
C TYR B 229 30.41 -10.91 -18.24
N LYS B 230 29.10 -11.11 -18.19
CA LYS B 230 28.26 -11.16 -19.38
C LYS B 230 26.94 -10.46 -19.06
N PRO B 231 26.34 -9.79 -20.04
CA PRO B 231 24.99 -9.26 -19.87
C PRO B 231 23.98 -10.38 -19.98
N PRO B 232 22.75 -10.18 -19.49
CA PRO B 232 21.72 -11.23 -19.61
C PRO B 232 21.40 -11.56 -21.05
N PHE B 233 21.30 -12.86 -21.34
CA PHE B 233 21.00 -13.43 -22.66
C PHE B 233 22.10 -13.19 -23.68
N TYR B 234 23.34 -12.98 -23.22
CA TYR B 234 24.47 -12.76 -24.13
C TYR B 234 24.64 -13.87 -25.15
N ASP B 235 24.05 -15.05 -24.91
CA ASP B 235 24.30 -16.24 -25.72
C ASP B 235 23.16 -16.60 -26.68
N VAL B 236 22.05 -15.88 -26.67
CA VAL B 236 20.90 -16.27 -27.50
C VAL B 236 20.34 -15.08 -28.27
N VAL B 237 20.85 -13.88 -28.01
CA VAL B 237 20.45 -12.69 -28.76
C VAL B 237 21.67 -11.82 -28.99
N PRO B 238 21.67 -11.06 -30.09
CA PRO B 238 22.83 -10.24 -30.42
C PRO B 238 22.77 -8.92 -29.66
N ASN B 239 23.80 -8.10 -29.86
CA ASN B 239 23.77 -6.74 -29.34
C ASN B 239 22.55 -6.00 -29.89
N ASP B 240 22.05 -5.04 -29.10
CA ASP B 240 20.89 -4.24 -29.47
C ASP B 240 19.69 -5.10 -29.87
N PRO B 241 19.33 -6.09 -29.04
CA PRO B 241 18.36 -7.09 -29.50
C PRO B 241 17.00 -6.48 -29.86
N SER B 242 16.32 -7.13 -30.79
CA SER B 242 15.04 -6.65 -31.26
C SER B 242 13.93 -7.11 -30.32
N PHE B 243 12.79 -6.44 -30.44
CA PHE B 243 11.59 -6.87 -29.74
C PHE B 243 11.27 -8.35 -29.99
N GLU B 244 11.41 -8.79 -31.25
CA GLU B 244 11.06 -10.17 -31.58
C GLU B 244 12.13 -11.16 -31.12
N ASP B 245 13.42 -10.81 -31.27
CA ASP B 245 14.49 -11.57 -30.64
C ASP B 245 14.14 -11.93 -29.21
N MET B 246 13.78 -10.91 -28.41
CA MET B 246 13.54 -11.13 -26.99
C MET B 246 12.26 -11.93 -26.76
N ARG B 247 11.20 -11.61 -27.50
CA ARG B 247 9.95 -12.34 -27.36
C ARG B 247 10.14 -13.82 -27.70
N LYS B 248 10.93 -14.11 -28.74
CA LYS B 248 11.18 -15.49 -29.13
C LYS B 248 11.87 -16.25 -28.01
N VAL B 249 12.91 -15.64 -27.42
CA VAL B 249 13.74 -16.31 -26.42
C VAL B 249 13.01 -16.46 -25.10
N VAL B 250 12.29 -15.43 -24.66
CA VAL B 250 11.78 -15.39 -23.29
C VAL B 250 10.35 -15.91 -23.21
N CYS B 251 9.50 -15.61 -24.19
CA CYS B 251 8.09 -16.02 -24.14
C CYS B 251 7.86 -17.39 -24.77
N VAL B 252 8.23 -17.55 -26.04
CA VAL B 252 8.05 -18.81 -26.73
C VAL B 252 9.01 -19.85 -26.17
N ASP B 253 10.32 -19.65 -26.42
CA ASP B 253 11.33 -20.62 -26.00
C ASP B 253 11.41 -20.79 -24.49
N GLN B 254 10.95 -19.80 -23.73
CA GLN B 254 10.94 -19.86 -22.26
C GLN B 254 12.35 -19.98 -21.68
N GLN B 255 13.32 -19.32 -22.32
CA GLN B 255 14.69 -19.36 -21.82
C GLN B 255 14.87 -18.42 -20.64
N ARG B 256 15.85 -18.74 -19.81
CA ARG B 256 16.26 -17.96 -18.64
C ARG B 256 17.77 -18.06 -18.54
N PRO B 257 18.44 -17.08 -17.93
CA PRO B 257 19.90 -17.18 -17.80
C PRO B 257 20.31 -18.47 -17.10
N ASN B 258 21.41 -19.07 -17.57
CA ASN B 258 21.85 -20.36 -17.03
C ASN B 258 22.64 -20.18 -15.75
N ILE B 259 22.51 -21.18 -14.87
CA ILE B 259 23.17 -21.19 -13.57
C ILE B 259 24.43 -22.05 -13.70
N PRO B 260 25.63 -21.48 -13.60
CA PRO B 260 26.85 -22.31 -13.61
C PRO B 260 26.82 -23.37 -12.51
N ASN B 261 27.46 -24.51 -12.78
CA ASN B 261 27.38 -25.62 -11.82
C ASN B 261 28.11 -25.30 -10.51
N ARG B 262 29.23 -24.57 -10.57
CA ARG B 262 29.93 -24.25 -9.34
C ARG B 262 29.11 -23.41 -8.37
N TRP B 263 27.98 -22.81 -8.81
CA TRP B 263 27.15 -22.08 -7.86
C TRP B 263 26.52 -23.02 -6.84
N PHE B 264 26.24 -24.26 -7.22
CA PHE B 264 25.67 -25.24 -6.31
C PHE B 264 26.72 -25.91 -5.46
N SER B 265 27.94 -25.38 -5.45
CA SER B 265 29.00 -25.76 -4.54
C SER B 265 29.31 -24.67 -3.53
N ASP B 266 28.45 -23.63 -3.44
CA ASP B 266 28.67 -22.51 -2.56
C ASP B 266 27.30 -22.18 -1.97
N PRO B 267 27.18 -22.04 -0.65
CA PRO B 267 25.84 -21.82 -0.09
C PRO B 267 25.25 -20.47 -0.46
N THR B 268 26.08 -19.43 -0.56
CA THR B 268 25.57 -18.10 -0.92
C THR B 268 25.02 -18.11 -2.34
N LEU B 269 25.80 -18.62 -3.29
CA LEU B 269 25.39 -18.67 -4.68
C LEU B 269 24.21 -19.61 -4.89
N THR B 270 24.12 -20.69 -4.11
CA THR B 270 22.93 -21.55 -4.15
C THR B 270 21.69 -20.77 -3.73
N SER B 271 21.79 -20.00 -2.64
CA SER B 271 20.64 -19.18 -2.23
C SER B 271 20.31 -18.11 -3.27
N LEU B 272 21.34 -17.48 -3.85
CA LEU B 272 21.10 -16.47 -4.89
C LEU B 272 20.47 -17.07 -6.13
N ALA B 273 20.87 -18.29 -6.52
CA ALA B 273 20.22 -18.95 -7.65
C ALA B 273 18.73 -19.22 -7.37
N LYS B 274 18.39 -19.62 -6.15
CA LYS B 274 16.98 -19.81 -5.80
C LYS B 274 16.20 -18.51 -5.89
N LEU B 275 16.80 -17.41 -5.43
CA LEU B 275 16.13 -16.11 -5.48
C LEU B 275 15.86 -15.67 -6.91
N MET B 276 16.89 -15.75 -7.79
CA MET B 276 16.68 -15.24 -9.14
C MET B 276 15.68 -16.10 -9.92
N LYS B 277 15.60 -17.41 -9.64
CA LYS B 277 14.59 -18.22 -10.30
C LYS B 277 13.17 -17.78 -9.90
N GLU B 278 13.00 -17.36 -8.66
CA GLU B 278 11.71 -16.87 -8.21
C GLU B 278 11.43 -15.43 -8.64
N CYS B 279 12.38 -14.79 -9.34
CA CYS B 279 12.10 -13.53 -10.02
C CYS B 279 11.66 -13.76 -11.45
N TRP B 280 11.89 -14.96 -12.00
CA TRP B 280 11.79 -15.24 -13.42
C TRP B 280 10.58 -16.08 -13.82
N TYR B 281 9.65 -16.36 -12.90
CA TYR B 281 8.43 -17.06 -13.28
C TYR B 281 7.76 -16.35 -14.44
N GLN B 282 7.18 -17.13 -15.37
CA GLN B 282 6.45 -16.51 -16.46
C GLN B 282 5.15 -15.88 -15.97
N ASN B 283 4.61 -16.38 -14.88
CA ASN B 283 3.42 -15.82 -14.25
C ASN B 283 3.86 -14.66 -13.35
N PRO B 284 3.51 -13.41 -13.71
CA PRO B 284 4.00 -12.27 -12.93
C PRO B 284 3.62 -12.31 -11.47
N SER B 285 2.43 -12.81 -11.13
CA SER B 285 2.03 -12.76 -9.73
C SER B 285 2.74 -13.80 -8.88
N ALA B 286 3.41 -14.80 -9.48
CA ALA B 286 4.17 -15.77 -8.70
C ALA B 286 5.55 -15.26 -8.29
N ARG B 287 6.03 -14.16 -8.89
CA ARG B 287 7.35 -13.64 -8.55
C ARG B 287 7.36 -13.08 -7.14
N LEU B 288 8.54 -13.09 -6.54
CA LEU B 288 8.69 -12.47 -5.24
C LEU B 288 8.52 -10.97 -5.35
N THR B 289 8.28 -10.35 -4.21
CA THR B 289 8.24 -8.90 -4.09
C THR B 289 9.61 -8.39 -3.69
N ALA B 290 9.82 -7.08 -3.92
CA ALA B 290 11.06 -6.45 -3.52
C ALA B 290 11.30 -6.62 -2.02
N LEU B 291 10.23 -6.53 -1.22
CA LEU B 291 10.37 -6.63 0.22
C LEU B 291 10.77 -8.03 0.65
N ARG B 292 10.22 -9.07 0.00
CA ARG B 292 10.56 -10.44 0.36
C ARG B 292 12.01 -10.74 -0.04
N ILE B 293 12.44 -10.23 -1.19
CA ILE B 293 13.83 -10.39 -1.61
C ILE B 293 14.77 -9.71 -0.61
N LYS B 294 14.44 -8.48 -0.21
CA LYS B 294 15.27 -7.78 0.77
C LYS B 294 15.37 -8.58 2.07
N LYS B 295 14.26 -9.15 2.54
CA LYS B 295 14.28 -9.90 3.79
C LYS B 295 15.11 -11.19 3.65
N THR B 296 14.96 -11.90 2.53
CA THR B 296 15.76 -13.09 2.30
C THR B 296 17.24 -12.76 2.24
N LEU B 297 17.60 -11.71 1.50
CA LEU B 297 19.01 -11.34 1.39
C LEU B 297 19.59 -10.92 2.75
N THR B 298 18.78 -10.30 3.60
CA THR B 298 19.23 -9.95 4.94
C THR B 298 19.64 -11.19 5.73
N LYS B 299 19.02 -12.33 5.45
CA LYS B 299 19.24 -13.55 6.22
C LYS B 299 20.35 -14.43 5.64
N ILE B 300 20.69 -14.28 4.35
CA ILE B 300 21.68 -15.15 3.68
C ILE B 300 22.96 -15.30 4.50
#